data_3V74
#
_entry.id   3V74
#
_cell.length_a   98.465
_cell.length_b   98.465
_cell.length_c   107.982
_cell.angle_alpha   90.00
_cell.angle_beta   90.00
_cell.angle_gamma   120.00
#
_symmetry.space_group_name_H-M   'P 61'
#
loop_
_entity.id
_entity.type
_entity.pdbx_description
1 polymer 'Fem-3 mRNA-binding factor 2'
2 polymer "RNA (5'-R(*UP*CP*AP*UP*GP*UP*GP*CP*CP*AP*UP*AP*C)-3')"
3 water water
#
loop_
_entity_poly.entity_id
_entity_poly.type
_entity_poly.pdbx_seq_one_letter_code
_entity_poly.pdbx_strand_id
1 'polypeptide(L)'
;GSNNVLPTWSLDSNGEMRSRLSLSEVLDSGDLMKFAVDKTGCQFLEKAVKGSLTSYQKFQLFEQVIGRKDDFLKLSTNIF
GNYLVQSVIGISLATNDDGYTKRQEKLKNFISSQMTDMCLDKFACRVIQSSLQNMDLSLACKLVQALPRDARLIAICVDQ
NANHVIQKVVAVIPLKNWEFIVDFVATPEHLRQICSDKYGCRVVQTIIEKLTADSMNVDLTSAAQNLRERALQRLMTSVT
NRCQELATNEYANYIIQHIVSNDDLAVYRECIIEKCLMRNLLSLSQEKFASHVVEKAFLHAPLELLAEMMDEIFDGYIPH
PDTGKDALDIMMFHQFGNYVVQCMLTICCDAVSGRRQTKEGGYDHAISFQDWLKKLHSRVTKERHRLSRFSSGKKMIETL
ANLRSTHPIYELQ
;
A
2 'polyribonucleotide' UCAUGUGCCAUAC B
#
loop_
_chem_comp.id
_chem_comp.type
_chem_comp.name
_chem_comp.formula
A RNA linking ADENOSINE-5'-MONOPHOSPHATE 'C10 H14 N5 O7 P'
C RNA linking CYTIDINE-5'-MONOPHOSPHATE 'C9 H14 N3 O8 P'
G RNA linking GUANOSINE-5'-MONOPHOSPHATE 'C10 H14 N5 O8 P'
U RNA linking URIDINE-5'-MONOPHOSPHATE 'C9 H13 N2 O9 P'
#
# COMPACT_ATOMS: atom_id res chain seq x y z
N LEU A 6 21.20 28.67 20.52
CA LEU A 6 20.80 29.92 19.85
C LEU A 6 21.75 31.06 20.18
N PRO A 7 22.35 31.68 19.14
CA PRO A 7 23.39 32.70 19.29
C PRO A 7 22.92 33.87 20.14
N THR A 8 23.82 34.30 21.03
CA THR A 8 23.51 35.28 22.04
C THR A 8 23.09 36.63 21.44
N TRP A 9 23.72 36.99 20.32
CA TRP A 9 23.37 38.22 19.63
C TRP A 9 21.87 38.36 19.34
N SER A 10 21.19 37.22 19.18
CA SER A 10 19.77 37.23 18.79
C SER A 10 18.82 37.24 20.00
N LEU A 11 19.39 37.06 21.19
CA LEU A 11 18.55 36.82 22.36
C LEU A 11 18.25 38.03 23.22
N ASP A 12 17.32 37.82 24.15
CA ASP A 12 16.86 38.82 25.11
C ASP A 12 17.72 38.85 26.35
N SER A 13 17.34 39.74 27.25
CA SER A 13 17.82 39.75 28.61
C SER A 13 17.17 38.56 29.33
N ASN A 14 16.10 38.05 28.74
CA ASN A 14 15.40 36.88 29.24
C ASN A 14 15.78 35.62 28.47
N GLY A 15 16.74 35.75 27.56
CA GLY A 15 17.19 34.62 26.76
C GLY A 15 16.20 34.19 25.71
N GLU A 16 15.22 35.05 25.41
CA GLU A 16 14.26 34.78 24.36
C GLU A 16 14.62 35.57 23.10
N MET A 17 14.34 34.99 21.94
CA MET A 17 14.66 35.65 20.68
C MET A 17 14.07 37.05 20.69
N ARG A 18 14.92 38.01 20.40
CA ARG A 18 14.50 39.40 20.43
C ARG A 18 13.35 39.61 19.45
N SER A 19 12.27 40.18 19.94
CA SER A 19 11.20 40.61 19.07
C SER A 19 11.83 41.55 18.06
N ARG A 20 11.47 41.41 16.81
CA ARG A 20 12.03 42.25 15.76
C ARG A 20 13.41 41.81 15.25
N LEU A 21 13.88 40.67 15.73
CA LEU A 21 14.91 39.96 15.03
C LEU A 21 14.44 39.76 13.56
N SER A 22 15.33 39.94 12.60
CA SER A 22 15.00 39.84 11.18
C SER A 22 15.47 38.55 10.54
N LEU A 23 14.86 38.21 9.41
CA LEU A 23 15.35 37.10 8.60
C LEU A 23 16.72 37.46 8.03
N SER A 24 16.84 38.67 7.49
CA SER A 24 18.15 39.11 6.99
C SER A 24 19.28 39.04 8.02
N GLU A 25 18.97 39.36 9.28
CA GLU A 25 19.95 39.26 10.34
C GLU A 25 20.44 37.84 10.47
N VAL A 26 19.49 36.90 10.52
CA VAL A 26 19.86 35.51 10.68
C VAL A 26 20.68 35.09 9.47
N LEU A 27 20.16 35.36 8.27
CA LEU A 27 20.88 35.08 7.03
C LEU A 27 22.29 35.69 6.97
N ASP A 28 22.48 36.90 7.49
CA ASP A 28 23.77 37.59 7.38
C ASP A 28 24.78 37.03 8.38
N SER A 29 24.27 36.46 9.45
CA SER A 29 25.09 36.11 10.60
C SER A 29 25.96 34.86 10.41
N GLY A 30 25.64 34.02 9.44
CA GLY A 30 26.31 32.74 9.29
C GLY A 30 25.77 31.71 10.28
N ASP A 31 24.71 32.05 11.02
CA ASP A 31 24.20 31.19 12.09
C ASP A 31 22.86 30.53 11.78
N LEU A 32 22.46 30.56 10.52
CA LEU A 32 21.18 29.97 10.16
C LEU A 32 21.05 28.51 10.64
N MET A 33 22.15 27.76 10.59
CA MET A 33 22.13 26.34 10.97
C MET A 33 21.79 26.10 12.45
N LYS A 34 22.16 27.04 13.31
CA LYS A 34 21.82 26.95 14.73
C LYS A 34 20.32 27.11 14.94
N PHE A 35 19.74 28.12 14.29
CA PHE A 35 18.30 28.33 14.38
C PHE A 35 17.53 27.14 13.80
N ALA A 36 18.00 26.63 12.65
CA ALA A 36 17.24 25.63 11.91
C ALA A 36 17.13 24.25 12.61
N VAL A 37 18.02 23.96 13.55
CA VAL A 37 17.96 22.69 14.26
C VAL A 37 17.41 22.89 15.67
N ASP A 38 16.89 24.09 15.93
CA ASP A 38 16.31 24.44 17.22
C ASP A 38 14.79 24.50 17.06
N LYS A 39 14.05 23.92 17.99
CA LYS A 39 12.60 23.96 17.86
C LYS A 39 12.07 25.38 17.68
N THR A 40 12.48 26.29 18.55
CA THR A 40 11.98 27.66 18.50
C THR A 40 12.50 28.40 17.27
N GLY A 41 13.80 28.36 17.04
CA GLY A 41 14.39 29.01 15.88
C GLY A 41 13.77 28.54 14.58
N CYS A 42 13.48 27.25 14.50
CA CYS A 42 12.95 26.70 13.26
C CYS A 42 11.55 27.25 12.97
N GLN A 43 10.74 27.37 14.03
CA GLN A 43 9.42 27.97 13.95
C GLN A 43 9.49 29.43 13.50
N PHE A 44 10.47 30.16 14.04
CA PHE A 44 10.73 31.51 13.58
C PHE A 44 11.02 31.51 12.07
N LEU A 45 11.95 30.65 11.65
CA LEU A 45 12.40 30.63 10.27
C LEU A 45 11.26 30.28 9.32
N GLU A 46 10.42 29.33 9.72
CA GLU A 46 9.24 28.96 8.93
C GLU A 46 8.26 30.11 8.69
N LYS A 47 7.99 30.90 9.74
CA LYS A 47 7.18 32.12 9.60
C LYS A 47 7.89 33.14 8.72
N ALA A 48 9.17 33.37 9.00
CA ALA A 48 9.95 34.32 8.24
C ALA A 48 9.94 34.07 6.71
N VAL A 49 10.12 32.83 6.29
CA VAL A 49 10.27 32.55 4.85
C VAL A 49 8.95 32.51 4.07
N LYS A 50 7.82 32.48 4.78
CA LYS A 50 6.51 32.58 4.13
C LYS A 50 6.18 34.02 3.77
N GLY A 51 6.97 34.95 4.29
CA GLY A 51 6.73 36.37 4.07
C GLY A 51 7.20 36.77 2.69
N SER A 52 7.27 38.07 2.45
CA SER A 52 7.76 38.54 1.18
C SER A 52 9.26 38.69 1.24
N LEU A 53 9.96 38.01 0.34
CA LEU A 53 11.41 37.96 0.35
C LEU A 53 11.92 38.77 -0.81
N THR A 54 12.95 39.59 -0.57
CA THR A 54 13.58 40.30 -1.66
C THR A 54 14.42 39.30 -2.43
N SER A 55 14.90 39.71 -3.60
CA SER A 55 15.75 38.88 -4.43
C SER A 55 16.95 38.37 -3.65
N TYR A 56 17.56 39.25 -2.87
CA TYR A 56 18.75 38.84 -2.15
C TYR A 56 18.46 37.87 -1.01
N GLN A 57 17.38 38.11 -0.28
CA GLN A 57 17.01 37.18 0.81
C GLN A 57 16.83 35.76 0.26
N LYS A 58 16.20 35.65 -0.91
CA LYS A 58 16.02 34.38 -1.57
C LYS A 58 17.35 33.76 -1.93
N PHE A 59 18.22 34.60 -2.47
CA PHE A 59 19.55 34.18 -2.87
C PHE A 59 20.27 33.53 -1.70
N GLN A 60 20.20 34.17 -0.55
CA GLN A 60 20.87 33.65 0.62
C GLN A 60 20.19 32.41 1.18
N LEU A 61 18.86 32.41 1.19
CA LEU A 61 18.07 31.28 1.68
C LEU A 61 18.39 30.07 0.87
N PHE A 62 18.32 30.21 -0.45
CA PHE A 62 18.59 29.09 -1.34
C PHE A 62 20.00 28.55 -1.11
N GLU A 63 20.97 29.45 -1.12
CA GLU A 63 22.35 29.03 -1.05
C GLU A 63 22.63 28.35 0.30
N GLN A 64 22.06 28.87 1.38
CA GLN A 64 22.27 28.32 2.71
C GLN A 64 21.46 27.04 3.05
N VAL A 65 20.26 26.90 2.48
CA VAL A 65 19.42 25.77 2.88
C VAL A 65 19.48 24.63 1.88
N ILE A 66 19.56 24.96 0.58
CA ILE A 66 19.60 23.91 -0.43
C ILE A 66 20.79 24.05 -1.38
N GLY A 67 21.79 24.85 -1.00
CA GLY A 67 22.91 25.09 -1.89
C GLY A 67 24.22 24.50 -1.40
N ARG A 68 24.28 24.12 -0.12
CA ARG A 68 25.46 23.50 0.48
C ARG A 68 25.15 22.04 0.82
N LYS A 69 25.90 21.08 0.27
CA LYS A 69 25.57 19.67 0.47
C LYS A 69 25.51 19.25 1.93
N ASP A 70 26.59 19.50 2.67
CA ASP A 70 26.70 19.06 4.06
C ASP A 70 25.53 19.60 4.89
N ASP A 71 25.28 20.92 4.82
CA ASP A 71 24.22 21.55 5.62
C ASP A 71 22.86 21.09 5.13
N PHE A 72 22.75 20.88 3.83
CA PHE A 72 21.48 20.42 3.25
C PHE A 72 21.09 19.07 3.83
N LEU A 73 22.04 18.13 3.81
CA LEU A 73 21.79 16.81 4.37
C LEU A 73 21.54 16.90 5.88
N LYS A 74 22.30 17.72 6.57
CA LYS A 74 22.14 17.88 8.01
C LYS A 74 20.72 18.32 8.39
N LEU A 75 20.21 19.31 7.67
CA LEU A 75 18.85 19.81 7.87
C LEU A 75 17.80 18.78 7.42
N SER A 76 18.02 18.13 6.29
CA SER A 76 17.06 17.17 5.76
C SER A 76 16.86 16.02 6.76
N THR A 77 17.94 15.64 7.44
CA THR A 77 17.88 14.54 8.40
C THR A 77 17.67 15.06 9.82
N ASN A 78 17.30 16.33 9.93
CA ASN A 78 16.97 16.90 11.22
C ASN A 78 15.48 16.90 11.48
N ILE A 79 15.14 16.67 12.75
CA ILE A 79 13.76 16.58 13.24
C ILE A 79 12.97 17.88 13.03
N PHE A 80 13.60 19.03 13.28
CA PHE A 80 12.96 20.32 12.98
C PHE A 80 13.36 20.85 11.61
N GLY A 81 14.63 20.65 11.26
CA GLY A 81 15.18 21.25 10.06
C GLY A 81 14.55 20.76 8.77
N ASN A 82 14.03 19.53 8.76
CA ASN A 82 13.52 18.97 7.50
C ASN A 82 12.36 19.79 6.96
N TYR A 83 11.63 20.44 7.87
CA TYR A 83 10.51 21.30 7.53
C TYR A 83 10.95 22.56 6.82
N LEU A 84 12.02 23.19 7.30
CA LEU A 84 12.59 24.36 6.61
C LEU A 84 13.01 23.98 5.20
N VAL A 85 13.70 22.85 5.08
CA VAL A 85 14.14 22.37 3.78
C VAL A 85 12.99 22.19 2.78
N GLN A 86 11.91 21.55 3.20
CA GLN A 86 10.77 21.41 2.27
C GLN A 86 10.16 22.77 1.90
N SER A 87 10.04 23.66 2.87
CA SER A 87 9.52 24.99 2.61
C SER A 87 10.44 25.74 1.63
N VAL A 88 11.74 25.63 1.84
CA VAL A 88 12.68 26.32 0.96
C VAL A 88 12.73 25.72 -0.46
N ILE A 89 12.57 24.41 -0.56
CA ILE A 89 12.44 23.76 -1.87
C ILE A 89 11.20 24.29 -2.59
N GLY A 90 10.08 24.38 -1.87
CA GLY A 90 8.87 24.94 -2.43
C GLY A 90 9.07 26.36 -2.98
N ILE A 91 9.66 27.23 -2.16
CA ILE A 91 9.92 28.61 -2.59
C ILE A 91 10.79 28.61 -3.84
N SER A 92 11.79 27.72 -3.86
CA SER A 92 12.73 27.64 -4.97
C SER A 92 12.09 27.22 -6.28
N LEU A 93 10.97 26.53 -6.19
CA LEU A 93 10.29 26.03 -7.39
C LEU A 93 9.27 27.05 -7.89
N ALA A 94 8.91 27.99 -7.02
CA ALA A 94 7.96 29.04 -7.32
C ALA A 94 8.71 30.28 -7.83
N THR A 95 10.03 30.20 -7.86
CA THR A 95 10.86 31.35 -8.22
C THR A 95 11.53 31.13 -9.56
N ASN A 96 10.89 31.59 -10.63
CA ASN A 96 11.43 31.43 -11.97
C ASN A 96 12.38 32.58 -12.26
N ASP A 97 13.48 32.62 -11.52
CA ASP A 97 14.54 33.57 -11.83
C ASP A 97 15.59 32.84 -12.63
N ASP A 98 16.72 33.51 -12.85
CA ASP A 98 17.75 33.01 -13.75
C ASP A 98 18.23 31.61 -13.33
N GLY A 99 18.54 31.44 -12.06
CA GLY A 99 19.14 30.20 -11.58
C GLY A 99 18.17 29.09 -11.26
N TYR A 100 16.94 29.22 -11.73
CA TYR A 100 15.88 28.25 -11.42
C TYR A 100 16.31 26.83 -11.72
N THR A 101 16.88 26.61 -12.89
CA THR A 101 17.27 25.27 -13.31
C THR A 101 18.46 24.73 -12.54
N LYS A 102 19.52 25.53 -12.44
CA LYS A 102 20.73 25.14 -11.72
C LYS A 102 20.39 24.66 -10.30
N ARG A 103 19.67 25.48 -9.54
CA ARG A 103 19.30 25.14 -8.16
C ARG A 103 18.62 23.79 -8.12
N GLN A 104 17.69 23.60 -9.05
CA GLN A 104 16.88 22.41 -9.04
C GLN A 104 17.74 21.23 -9.45
N GLU A 105 18.73 21.48 -10.30
CA GLU A 105 19.64 20.44 -10.74
C GLU A 105 20.53 20.03 -9.58
N LYS A 106 21.02 21.04 -8.85
CA LYS A 106 21.91 20.79 -7.71
C LYS A 106 21.18 20.07 -6.57
N LEU A 107 19.90 20.39 -6.39
CA LEU A 107 19.09 19.71 -5.38
C LEU A 107 19.00 18.24 -5.75
N LYS A 108 18.69 17.97 -7.02
CA LYS A 108 18.63 16.61 -7.53
C LYS A 108 19.92 15.87 -7.24
N ASN A 109 21.05 16.51 -7.50
CA ASN A 109 22.34 15.90 -7.27
C ASN A 109 22.63 15.60 -5.79
N PHE A 110 22.35 16.56 -4.91
CA PHE A 110 22.54 16.33 -3.47
C PHE A 110 21.78 15.08 -3.03
N ILE A 111 20.47 15.07 -3.27
CA ILE A 111 19.62 13.94 -2.92
C ILE A 111 20.09 12.63 -3.56
N SER A 112 20.28 12.64 -4.88
CA SER A 112 20.69 11.44 -5.62
C SER A 112 21.90 10.74 -5.02
N SER A 113 22.88 11.52 -4.58
CA SER A 113 24.12 10.95 -4.04
C SER A 113 23.93 10.32 -2.66
N GLN A 114 22.76 10.52 -2.06
CA GLN A 114 22.49 9.93 -0.76
C GLN A 114 21.13 9.25 -0.71
N MET A 115 20.62 8.85 -1.87
CA MET A 115 19.23 8.43 -1.99
C MET A 115 18.83 7.44 -0.92
N THR A 116 19.60 6.37 -0.81
CA THR A 116 19.27 5.31 0.12
C THR A 116 19.13 5.78 1.56
N ASP A 117 20.14 6.48 2.04
CA ASP A 117 20.17 6.92 3.42
C ASP A 117 19.06 7.91 3.70
N MET A 118 18.80 8.79 2.74
CA MET A 118 17.77 9.79 2.93
C MET A 118 16.40 9.14 2.93
N CYS A 119 16.24 8.12 2.07
CA CYS A 119 15.01 7.34 1.99
C CYS A 119 14.72 6.65 3.31
N LEU A 120 15.75 5.99 3.85
CA LEU A 120 15.63 5.27 5.10
C LEU A 120 15.52 6.17 6.33
N ASP A 121 15.82 7.45 6.17
CA ASP A 121 15.79 8.38 7.30
C ASP A 121 14.37 8.90 7.64
N LYS A 122 14.02 8.91 8.91
CA LYS A 122 12.68 9.29 9.30
C LYS A 122 12.34 10.68 8.77
N PHE A 123 13.31 11.59 8.81
CA PHE A 123 13.06 12.97 8.44
C PHE A 123 13.36 13.26 6.99
N ALA A 124 14.46 12.72 6.47
CA ALA A 124 14.86 12.97 5.09
C ALA A 124 13.92 12.31 4.10
N CYS A 125 13.25 11.23 4.51
CA CYS A 125 12.27 10.60 3.62
C CYS A 125 11.13 11.56 3.30
N ARG A 126 10.93 12.58 4.15
CA ARG A 126 9.85 13.55 3.93
C ARG A 126 10.30 14.56 2.91
N VAL A 127 11.60 14.90 2.94
CA VAL A 127 12.21 15.73 1.92
C VAL A 127 12.15 15.03 0.56
N ILE A 128 12.36 13.72 0.59
CA ILE A 128 12.33 12.97 -0.67
C ILE A 128 10.92 12.98 -1.27
N GLN A 129 9.92 12.65 -0.46
CA GLN A 129 8.53 12.62 -0.92
C GLN A 129 8.09 13.99 -1.43
N SER A 130 8.40 15.03 -0.70
CA SER A 130 8.11 16.40 -1.10
C SER A 130 8.80 16.80 -2.44
N SER A 131 10.08 16.46 -2.57
CA SER A 131 10.78 16.71 -3.84
C SER A 131 10.21 15.94 -5.02
N LEU A 132 9.83 14.67 -4.80
CA LEU A 132 9.25 13.85 -5.87
C LEU A 132 7.96 14.49 -6.40
N GLN A 133 7.20 15.03 -5.48
CA GLN A 133 5.88 15.56 -5.79
C GLN A 133 5.95 16.98 -6.39
N ASN A 134 6.93 17.78 -5.95
CA ASN A 134 6.95 19.19 -6.37
C ASN A 134 7.93 19.56 -7.46
N MET A 135 9.02 18.80 -7.58
CA MET A 135 10.00 19.07 -8.62
C MET A 135 9.33 18.90 -9.97
N ASP A 136 9.87 19.56 -10.99
CA ASP A 136 9.47 19.27 -12.37
C ASP A 136 9.64 17.78 -12.61
N LEU A 137 8.69 17.18 -13.30
CA LEU A 137 8.67 15.73 -13.57
C LEU A 137 10.03 15.11 -13.93
N SER A 138 10.76 15.75 -14.82
CA SER A 138 11.97 15.18 -15.34
C SER A 138 13.09 15.16 -14.32
N LEU A 139 13.09 16.12 -13.39
CA LEU A 139 14.06 16.08 -12.31
C LEU A 139 13.65 15.01 -11.32
N ALA A 140 12.35 14.94 -11.04
CA ALA A 140 11.80 13.94 -10.15
C ALA A 140 12.13 12.55 -10.65
N CYS A 141 12.09 12.36 -11.97
CA CYS A 141 12.39 11.06 -12.53
C CYS A 141 13.86 10.69 -12.32
N LYS A 142 14.72 11.69 -12.28
CA LYS A 142 16.11 11.43 -12.01
C LYS A 142 16.34 10.99 -10.57
N LEU A 143 15.52 11.50 -9.64
CA LEU A 143 15.58 11.00 -8.27
C LEU A 143 15.23 9.52 -8.24
N VAL A 144 14.18 9.14 -8.98
CA VAL A 144 13.75 7.75 -8.98
C VAL A 144 14.89 6.84 -9.48
N GLN A 145 15.59 7.25 -10.53
CA GLN A 145 16.66 6.43 -11.08
C GLN A 145 17.80 6.23 -10.07
N ALA A 146 17.88 7.12 -9.08
CA ALA A 146 18.92 7.04 -8.04
C ALA A 146 18.66 5.95 -7.01
N LEU A 147 17.45 5.39 -7.01
CA LEU A 147 17.16 4.26 -6.12
C LEU A 147 18.15 3.11 -6.36
N PRO A 148 18.57 2.44 -5.28
CA PRO A 148 19.46 1.28 -5.48
C PRO A 148 18.72 0.16 -6.21
N ARG A 149 19.45 -0.74 -6.88
CA ARG A 149 18.80 -1.86 -7.57
C ARG A 149 19.20 -3.20 -6.96
N ASP A 150 19.69 -3.18 -5.72
CA ASP A 150 20.18 -4.38 -5.07
C ASP A 150 19.42 -4.69 -3.78
N ALA A 151 20.10 -5.31 -2.81
CA ALA A 151 19.45 -5.67 -1.56
C ALA A 151 18.92 -4.45 -0.80
N ARG A 152 19.53 -3.29 -1.03
CA ARG A 152 19.07 -2.04 -0.44
C ARG A 152 17.64 -1.68 -0.85
N LEU A 153 17.22 -2.09 -2.05
CA LEU A 153 15.87 -1.78 -2.52
C LEU A 153 14.82 -2.59 -1.76
N ILE A 154 15.19 -3.79 -1.34
CA ILE A 154 14.34 -4.59 -0.45
C ILE A 154 14.19 -3.87 0.89
N ALA A 155 15.31 -3.39 1.42
CA ALA A 155 15.33 -2.73 2.71
C ALA A 155 14.50 -1.47 2.67
N ILE A 156 14.49 -0.83 1.50
CA ILE A 156 13.66 0.36 1.29
C ILE A 156 12.17 -0.02 1.30
N CYS A 157 11.80 -1.04 0.54
CA CYS A 157 10.39 -1.42 0.42
C CYS A 157 9.84 -1.92 1.76
N VAL A 158 10.70 -2.44 2.64
CA VAL A 158 10.22 -2.91 3.95
C VAL A 158 10.54 -1.96 5.10
N ASP A 159 11.00 -0.76 4.80
CA ASP A 159 11.34 0.17 5.87
C ASP A 159 10.13 0.99 6.30
N GLN A 160 10.02 1.28 7.60
CA GLN A 160 8.90 2.06 8.11
C GLN A 160 8.89 3.48 7.54
N ASN A 161 10.03 3.97 7.10
CA ASN A 161 10.06 5.30 6.51
C ASN A 161 10.06 5.25 5.01
N ALA A 162 11.01 4.49 4.47
CA ALA A 162 11.24 4.47 3.03
C ALA A 162 10.11 3.85 2.23
N ASN A 163 9.20 3.11 2.87
CA ASN A 163 8.16 2.43 2.08
C ASN A 163 7.26 3.50 1.50
N HIS A 164 7.12 4.61 2.22
CA HIS A 164 6.33 5.74 1.76
C HIS A 164 6.96 6.45 0.59
N VAL A 165 8.29 6.38 0.49
CA VAL A 165 8.96 6.89 -0.70
C VAL A 165 8.52 6.10 -1.94
N ILE A 166 8.62 4.76 -1.87
CA ILE A 166 8.22 3.91 -2.98
C ILE A 166 6.75 4.18 -3.34
N GLN A 167 5.89 4.27 -2.33
CA GLN A 167 4.48 4.57 -2.56
C GLN A 167 4.26 5.92 -3.22
N LYS A 168 5.04 6.94 -2.83
CA LYS A 168 4.97 8.24 -3.46
C LYS A 168 5.42 8.16 -4.92
N VAL A 169 6.47 7.41 -5.20
CA VAL A 169 6.92 7.24 -6.59
C VAL A 169 5.75 6.68 -7.42
N VAL A 170 5.09 5.68 -6.87
CA VAL A 170 4.01 5.01 -7.58
C VAL A 170 2.85 5.97 -7.85
N ALA A 171 2.65 6.93 -6.94
CA ALA A 171 1.51 7.84 -7.04
C ALA A 171 1.77 8.98 -8.02
N VAL A 172 2.99 9.49 -8.07
CA VAL A 172 3.25 10.70 -8.85
C VAL A 172 4.18 10.58 -10.05
N ILE A 173 4.76 9.41 -10.29
CA ILE A 173 5.78 9.29 -11.31
C ILE A 173 5.22 8.35 -12.41
N PRO A 174 5.48 8.66 -13.69
CA PRO A 174 4.98 7.76 -14.77
C PRO A 174 5.61 6.36 -14.70
N LEU A 175 4.81 5.33 -14.95
CA LEU A 175 5.26 3.95 -14.89
C LEU A 175 6.56 3.68 -15.66
N LYS A 176 6.71 4.31 -16.82
CA LYS A 176 7.91 4.12 -17.61
C LYS A 176 9.16 4.34 -16.76
N ASN A 177 9.10 5.27 -15.82
CA ASN A 177 10.27 5.61 -15.03
C ASN A 177 10.48 4.76 -13.79
N TRP A 178 9.50 3.96 -13.41
CA TRP A 178 9.69 3.12 -12.24
C TRP A 178 9.41 1.66 -12.52
N GLU A 179 9.25 1.36 -13.79
CA GLU A 179 8.98 0.01 -14.24
C GLU A 179 9.98 -0.98 -13.63
N PHE A 180 11.23 -0.55 -13.48
CA PHE A 180 12.22 -1.44 -12.92
C PHE A 180 11.83 -1.97 -11.54
N ILE A 181 11.10 -1.15 -10.78
CA ILE A 181 10.69 -1.53 -9.44
C ILE A 181 9.73 -2.72 -9.50
N VAL A 182 8.86 -2.71 -10.50
CA VAL A 182 7.89 -3.76 -10.69
C VAL A 182 8.59 -5.09 -10.88
N ASP A 183 9.64 -5.07 -11.70
CA ASP A 183 10.31 -6.29 -12.05
C ASP A 183 11.24 -6.70 -10.95
N PHE A 184 11.73 -5.71 -10.20
CA PHE A 184 12.57 -6.01 -9.06
C PHE A 184 11.76 -6.80 -8.04
N VAL A 185 10.51 -6.40 -7.88
CA VAL A 185 9.62 -6.94 -6.86
C VAL A 185 9.10 -8.30 -7.31
N ALA A 186 8.95 -8.46 -8.62
CA ALA A 186 8.48 -9.71 -9.19
C ALA A 186 9.56 -10.79 -9.16
N THR A 187 10.81 -10.42 -8.96
CA THR A 187 11.82 -11.45 -8.74
C THR A 187 11.41 -12.32 -7.56
N PRO A 188 11.22 -13.62 -7.81
CA PRO A 188 10.60 -14.55 -6.87
C PRO A 188 11.10 -14.40 -5.44
N GLU A 189 12.41 -14.30 -5.23
CA GLU A 189 12.95 -14.14 -3.88
C GLU A 189 12.60 -12.77 -3.29
N HIS A 190 12.60 -11.75 -4.13
CA HIS A 190 12.28 -10.40 -3.69
C HIS A 190 10.81 -10.32 -3.31
N LEU A 191 9.97 -10.92 -4.15
CA LEU A 191 8.54 -10.91 -3.91
C LEU A 191 8.24 -11.55 -2.55
N ARG A 192 8.95 -12.63 -2.23
CA ARG A 192 8.75 -13.33 -0.98
C ARG A 192 9.09 -12.48 0.24
N GLN A 193 10.29 -11.91 0.25
CA GLN A 193 10.73 -11.09 1.37
C GLN A 193 9.84 -9.88 1.57
N ILE A 194 9.42 -9.27 0.47
CA ILE A 194 8.65 -8.02 0.52
C ILE A 194 7.16 -8.22 0.88
N CYS A 195 6.52 -9.23 0.31
CA CYS A 195 5.09 -9.46 0.62
C CYS A 195 4.87 -9.97 2.04
N SER A 196 5.91 -10.54 2.65
CA SER A 196 5.75 -11.15 3.95
C SER A 196 6.21 -10.19 5.02
N ASP A 197 6.04 -8.91 4.72
CA ASP A 197 6.47 -7.84 5.60
C ASP A 197 5.31 -6.86 5.79
N LYS A 198 5.18 -6.34 7.00
CA LYS A 198 4.08 -5.46 7.36
C LYS A 198 4.06 -4.19 6.51
N TYR A 199 5.23 -3.70 6.09
CA TYR A 199 5.26 -2.57 5.17
C TYR A 199 5.32 -2.99 3.71
N GLY A 200 6.07 -4.04 3.43
CA GLY A 200 6.22 -4.54 2.08
C GLY A 200 4.88 -4.88 1.46
N CYS A 201 3.97 -5.44 2.27
CA CYS A 201 2.73 -5.96 1.69
C CYS A 201 1.81 -4.82 1.24
N ARG A 202 1.88 -3.69 1.94
CA ARG A 202 1.17 -2.50 1.52
C ARG A 202 1.78 -1.93 0.22
N VAL A 203 3.11 -1.89 0.13
CA VAL A 203 3.79 -1.37 -1.04
C VAL A 203 3.40 -2.18 -2.28
N VAL A 204 3.36 -3.48 -2.14
CA VAL A 204 3.02 -4.36 -3.25
C VAL A 204 1.58 -4.17 -3.70
N GLN A 205 0.69 -3.95 -2.74
CA GLN A 205 -0.70 -3.69 -3.06
C GLN A 205 -0.83 -2.34 -3.77
N THR A 206 -0.08 -1.35 -3.31
CA THR A 206 -0.12 -0.06 -3.95
C THR A 206 0.33 -0.14 -5.41
N ILE A 207 1.36 -0.93 -5.65
CA ILE A 207 1.83 -1.19 -7.01
C ILE A 207 0.75 -1.89 -7.83
N ILE A 208 0.14 -2.94 -7.27
CA ILE A 208 -0.93 -3.66 -7.98
C ILE A 208 -2.09 -2.72 -8.34
N GLU A 209 -2.54 -1.93 -7.39
CA GLU A 209 -3.61 -0.98 -7.65
C GLU A 209 -3.26 -0.02 -8.78
N LYS A 210 -2.04 0.49 -8.79
CA LYS A 210 -1.63 1.42 -9.84
C LYS A 210 -1.57 0.73 -11.22
N LEU A 211 -1.23 -0.56 -11.22
CA LEU A 211 -1.18 -1.39 -12.44
C LEU A 211 -2.53 -2.00 -12.86
N THR A 212 -3.58 -1.66 -12.14
CA THR A 212 -4.93 -2.20 -12.42
C THR A 212 -5.70 -1.30 -13.38
N ALA A 213 -6.32 -1.91 -14.37
CA ALA A 213 -7.09 -1.15 -15.35
C ALA A 213 -8.45 -0.81 -14.77
N ASP A 214 -8.44 0.04 -13.77
CA ASP A 214 -9.68 0.39 -13.08
C ASP A 214 -10.08 1.80 -13.40
N SER A 215 -11.07 2.30 -12.69
CA SER A 215 -11.65 3.58 -13.05
C SER A 215 -10.66 4.76 -12.89
N MET A 216 -9.61 4.57 -12.11
CA MET A 216 -8.60 5.61 -11.91
C MET A 216 -7.57 5.68 -13.04
N ASN A 217 -7.60 4.71 -13.95
CA ASN A 217 -6.65 4.69 -15.04
C ASN A 217 -7.24 5.00 -16.41
N VAL A 218 -8.50 5.47 -16.47
CA VAL A 218 -9.15 5.70 -17.76
C VAL A 218 -8.57 6.88 -18.56
N ASP A 219 -7.82 7.75 -17.90
CA ASP A 219 -7.15 8.86 -18.58
C ASP A 219 -5.92 8.41 -19.34
N LEU A 220 -5.52 7.14 -19.18
CA LEU A 220 -4.30 6.67 -19.84
C LEU A 220 -4.49 6.55 -21.34
N THR A 221 -3.41 6.77 -22.09
CA THR A 221 -3.44 6.54 -23.52
C THR A 221 -3.27 5.04 -23.80
N SER A 222 -3.33 4.64 -25.07
CA SER A 222 -3.25 3.22 -25.43
C SER A 222 -1.85 2.69 -25.16
N ALA A 223 -0.84 3.49 -25.50
CA ALA A 223 0.53 3.14 -25.16
C ALA A 223 0.69 2.90 -23.66
N ALA A 224 0.15 3.81 -22.87
CA ALA A 224 0.21 3.75 -21.40
C ALA A 224 -0.57 2.55 -20.82
N GLN A 225 -1.77 2.31 -21.34
CA GLN A 225 -2.55 1.15 -20.92
C GLN A 225 -1.79 -0.16 -21.20
N ASN A 226 -1.14 -0.26 -22.37
CA ASN A 226 -0.42 -1.47 -22.71
C ASN A 226 0.83 -1.63 -21.86
N LEU A 227 1.56 -0.54 -21.66
CA LEU A 227 2.69 -0.60 -20.75
C LEU A 227 2.19 -1.09 -19.38
N ARG A 228 1.12 -0.48 -18.87
CA ARG A 228 0.52 -0.91 -17.61
C ARG A 228 0.15 -2.40 -17.61
N GLU A 229 -0.56 -2.84 -18.64
CA GLU A 229 -0.98 -4.24 -18.74
C GLU A 229 0.21 -5.23 -18.76
N ARG A 230 1.19 -4.95 -19.59
CA ARG A 230 2.37 -5.79 -19.64
C ARG A 230 3.04 -5.98 -18.26
N ALA A 231 3.18 -4.89 -17.52
CA ALA A 231 3.80 -4.91 -16.19
C ALA A 231 2.91 -5.67 -15.20
N LEU A 232 1.61 -5.43 -15.29
CA LEU A 232 0.64 -6.11 -14.44
C LEU A 232 0.82 -7.61 -14.62
N GLN A 233 0.99 -8.03 -15.88
CA GLN A 233 1.08 -9.44 -16.21
C GLN A 233 2.36 -10.05 -15.65
N ARG A 234 3.47 -9.32 -15.74
CA ARG A 234 4.74 -9.80 -15.20
C ARG A 234 4.68 -9.94 -13.67
N LEU A 235 4.11 -8.95 -12.99
CA LEU A 235 3.92 -9.04 -11.54
C LEU A 235 3.00 -10.20 -11.15
N MET A 236 1.85 -10.29 -11.82
CA MET A 236 0.85 -11.27 -11.48
C MET A 236 1.37 -12.68 -11.71
N THR A 237 2.17 -12.86 -12.74
CA THR A 237 2.79 -14.15 -12.99
C THR A 237 3.57 -14.61 -11.77
N SER A 238 4.36 -13.71 -11.19
CA SER A 238 5.13 -14.06 -10.00
C SER A 238 4.23 -14.28 -8.81
N VAL A 239 3.19 -13.46 -8.69
CA VAL A 239 2.27 -13.57 -7.57
C VAL A 239 1.55 -14.93 -7.58
N THR A 240 1.02 -15.31 -8.74
CA THR A 240 0.26 -16.54 -8.86
C THR A 240 1.16 -17.79 -8.77
N ASN A 241 2.38 -17.69 -9.27
CA ASN A 241 3.35 -18.79 -9.11
C ASN A 241 3.58 -19.17 -7.65
N ARG A 242 3.48 -18.19 -6.75
CA ARG A 242 3.76 -18.44 -5.33
C ARG A 242 2.58 -18.13 -4.44
N CYS A 243 1.37 -18.34 -4.92
CA CYS A 243 0.20 -17.85 -4.16
C CYS A 243 -0.09 -18.69 -2.94
N GLN A 244 0.36 -19.94 -2.95
CA GLN A 244 0.20 -20.79 -1.77
C GLN A 244 0.93 -20.17 -0.60
N GLU A 245 2.21 -19.89 -0.83
CA GLU A 245 3.06 -19.25 0.16
C GLU A 245 2.48 -17.90 0.58
N LEU A 246 2.05 -17.09 -0.37
CA LEU A 246 1.50 -15.78 -0.04
C LEU A 246 0.17 -15.91 0.71
N ALA A 247 -0.69 -16.82 0.26
CA ALA A 247 -2.02 -16.90 0.84
C ALA A 247 -2.01 -17.27 2.34
N THR A 248 -0.96 -17.93 2.82
CA THR A 248 -0.93 -18.37 4.21
C THR A 248 -0.07 -17.51 5.12
N ASN A 249 0.64 -16.53 4.54
CA ASN A 249 1.48 -15.60 5.33
C ASN A 249 0.65 -14.59 6.13
N GLU A 250 1.14 -14.21 7.29
CA GLU A 250 0.43 -13.25 8.12
C GLU A 250 0.20 -11.90 7.44
N TYR A 251 1.07 -11.53 6.51
CA TYR A 251 0.94 -10.25 5.83
C TYR A 251 0.47 -10.37 4.37
N ALA A 252 1.05 -11.31 3.65
CA ALA A 252 0.77 -11.47 2.23
C ALA A 252 -0.67 -11.88 1.95
N ASN A 253 -1.35 -12.46 2.94
CA ASN A 253 -2.75 -12.81 2.73
C ASN A 253 -3.60 -11.60 2.38
N TYR A 254 -3.18 -10.43 2.85
CA TYR A 254 -3.88 -9.20 2.50
C TYR A 254 -3.83 -8.89 1.00
N ILE A 255 -2.74 -9.28 0.35
CA ILE A 255 -2.58 -9.10 -1.09
C ILE A 255 -3.45 -10.07 -1.89
N ILE A 256 -3.39 -11.34 -1.50
CA ILE A 256 -4.21 -12.36 -2.15
C ILE A 256 -5.69 -12.01 -2.02
N GLN A 257 -6.12 -11.54 -0.85
CA GLN A 257 -7.52 -11.10 -0.67
C GLN A 257 -7.88 -9.93 -1.60
N HIS A 258 -6.97 -8.95 -1.70
CA HIS A 258 -7.22 -7.81 -2.56
C HIS A 258 -7.44 -8.22 -4.00
N ILE A 259 -6.59 -9.11 -4.51
CA ILE A 259 -6.73 -9.61 -5.88
C ILE A 259 -8.04 -10.40 -6.06
N VAL A 260 -8.28 -11.33 -5.15
CA VAL A 260 -9.47 -12.17 -5.22
C VAL A 260 -10.76 -11.36 -5.19
N SER A 261 -10.78 -10.30 -4.41
CA SER A 261 -11.97 -9.46 -4.25
C SER A 261 -12.15 -8.36 -5.33
N ASN A 262 -11.17 -8.20 -6.22
CA ASN A 262 -11.22 -7.13 -7.21
C ASN A 262 -11.72 -7.59 -8.59
N ASP A 263 -12.88 -7.09 -9.01
CA ASP A 263 -13.44 -7.42 -10.32
C ASP A 263 -12.57 -7.01 -11.51
N ASP A 264 -11.77 -5.96 -11.32
CA ASP A 264 -10.86 -5.51 -12.37
C ASP A 264 -9.66 -6.44 -12.50
N LEU A 265 -9.53 -7.41 -11.59
CA LEU A 265 -8.48 -8.43 -11.67
C LEU A 265 -9.07 -9.86 -11.74
N ALA A 266 -10.29 -9.97 -12.28
CA ALA A 266 -11.02 -11.24 -12.27
C ALA A 266 -10.20 -12.45 -12.69
N VAL A 267 -9.41 -12.30 -13.75
CA VAL A 267 -8.63 -13.42 -14.27
C VAL A 267 -7.59 -13.92 -13.25
N TYR A 268 -7.08 -13.01 -12.43
CA TYR A 268 -6.06 -13.40 -11.45
C TYR A 268 -6.70 -14.02 -10.22
N ARG A 269 -7.81 -13.44 -9.81
CA ARG A 269 -8.72 -14.13 -8.88
C ARG A 269 -8.93 -15.61 -9.24
N GLU A 270 -9.28 -15.86 -10.50
CA GLU A 270 -9.66 -17.20 -10.94
C GLU A 270 -8.46 -18.13 -10.99
N CYS A 271 -7.33 -17.58 -11.42
CA CYS A 271 -6.10 -18.35 -11.49
C CYS A 271 -5.67 -18.78 -10.09
N ILE A 272 -5.82 -17.87 -9.13
CA ILE A 272 -5.39 -18.08 -7.77
C ILE A 272 -6.26 -19.11 -7.08
N ILE A 273 -7.55 -18.99 -7.29
CA ILE A 273 -8.47 -19.98 -6.78
C ILE A 273 -8.10 -21.38 -7.30
N GLU A 274 -7.90 -21.54 -8.60
CA GLU A 274 -7.49 -22.82 -9.17
C GLU A 274 -6.10 -23.30 -8.72
N LYS A 275 -5.13 -22.39 -8.71
CA LYS A 275 -3.75 -22.73 -8.43
C LYS A 275 -3.42 -23.07 -6.98
N CYS A 276 -4.05 -22.40 -6.01
CA CYS A 276 -3.69 -22.74 -4.65
C CYS A 276 -4.84 -23.03 -3.68
N LEU A 277 -6.03 -22.51 -3.95
CA LEU A 277 -7.13 -22.76 -3.03
C LEU A 277 -7.80 -24.09 -3.27
N MET A 278 -8.10 -24.37 -4.54
CA MET A 278 -8.87 -25.56 -4.92
C MET A 278 -8.14 -26.82 -4.48
N ARG A 279 -8.88 -27.74 -3.86
CA ARG A 279 -8.29 -28.96 -3.32
C ARG A 279 -7.57 -28.74 -2.00
N ASN A 280 -7.59 -27.51 -1.49
CA ASN A 280 -6.91 -27.19 -0.23
C ASN A 280 -7.84 -26.48 0.75
N LEU A 281 -9.11 -26.41 0.38
CA LEU A 281 -10.10 -25.64 1.11
C LEU A 281 -10.21 -26.05 2.58
N LEU A 282 -10.24 -27.36 2.83
CA LEU A 282 -10.40 -27.85 4.20
C LEU A 282 -9.19 -27.45 5.03
N SER A 283 -8.02 -27.70 4.50
CA SER A 283 -6.79 -27.33 5.17
C SER A 283 -6.70 -25.83 5.43
N LEU A 284 -6.94 -25.03 4.39
CA LEU A 284 -6.75 -23.58 4.48
C LEU A 284 -7.78 -22.90 5.36
N SER A 285 -8.99 -23.47 5.40
CA SER A 285 -10.06 -22.93 6.22
C SER A 285 -9.76 -23.09 7.70
N GLN A 286 -8.77 -23.92 8.04
CA GLN A 286 -8.35 -24.11 9.44
C GLN A 286 -7.13 -23.27 9.84
N GLU A 287 -6.64 -22.45 8.92
CA GLU A 287 -5.48 -21.61 9.24
C GLU A 287 -5.90 -20.21 9.62
N LYS A 288 -5.22 -19.65 10.61
CA LYS A 288 -5.50 -18.30 11.06
C LYS A 288 -5.59 -17.30 9.91
N PHE A 289 -4.62 -17.31 9.01
CA PHE A 289 -4.51 -16.29 8.01
C PHE A 289 -5.25 -16.68 6.72
N ALA A 290 -5.01 -17.89 6.24
CA ALA A 290 -5.60 -18.34 4.98
C ALA A 290 -7.12 -18.43 5.06
N SER A 291 -7.67 -18.63 6.25
CA SER A 291 -9.12 -18.75 6.35
C SER A 291 -9.83 -17.51 5.78
N HIS A 292 -9.28 -16.32 6.03
CA HIS A 292 -9.82 -15.09 5.46
C HIS A 292 -9.75 -15.07 3.92
N VAL A 293 -8.71 -15.64 3.34
CA VAL A 293 -8.61 -15.73 1.89
C VAL A 293 -9.69 -16.68 1.36
N VAL A 294 -9.86 -17.83 2.03
CA VAL A 294 -10.94 -18.76 1.65
C VAL A 294 -12.32 -18.08 1.64
N GLU A 295 -12.61 -17.29 2.67
CA GLU A 295 -13.87 -16.52 2.70
C GLU A 295 -14.02 -15.62 1.45
N LYS A 296 -12.94 -14.95 1.07
CA LYS A 296 -12.96 -14.08 -0.11
C LYS A 296 -13.28 -14.85 -1.36
N ALA A 297 -12.63 -15.99 -1.50
CA ALA A 297 -12.80 -16.85 -2.65
C ALA A 297 -14.28 -17.21 -2.81
N PHE A 298 -14.89 -17.68 -1.73
CA PHE A 298 -16.31 -18.04 -1.75
C PHE A 298 -17.18 -16.86 -2.16
N LEU A 299 -16.85 -15.69 -1.63
CA LEU A 299 -17.66 -14.50 -1.90
C LEU A 299 -17.52 -14.02 -3.34
N HIS A 300 -16.35 -14.21 -3.95
CA HIS A 300 -16.12 -13.64 -5.28
C HIS A 300 -15.92 -14.61 -6.44
N ALA A 301 -15.90 -15.90 -6.16
CA ALA A 301 -15.65 -16.88 -7.21
C ALA A 301 -16.77 -16.80 -8.24
N PRO A 302 -16.45 -16.99 -9.54
CA PRO A 302 -17.49 -17.16 -10.56
C PRO A 302 -18.29 -18.40 -10.23
N LEU A 303 -19.53 -18.49 -10.68
CA LEU A 303 -20.41 -19.57 -10.26
C LEU A 303 -19.88 -20.97 -10.57
N GLU A 304 -19.22 -21.11 -11.71
CA GLU A 304 -18.64 -22.39 -12.11
C GLU A 304 -17.65 -22.93 -11.07
N LEU A 305 -16.71 -22.07 -10.67
CA LEU A 305 -15.74 -22.41 -9.64
C LEU A 305 -16.39 -22.56 -8.27
N LEU A 306 -17.32 -21.66 -7.96
CA LEU A 306 -18.04 -21.74 -6.69
C LEU A 306 -18.64 -23.13 -6.49
N ALA A 307 -19.23 -23.67 -7.55
CA ALA A 307 -19.86 -24.99 -7.49
C ALA A 307 -18.80 -26.04 -7.16
N GLU A 308 -17.62 -25.90 -7.74
CA GLU A 308 -16.53 -26.83 -7.42
C GLU A 308 -16.09 -26.63 -5.97
N MET A 309 -16.06 -25.38 -5.52
CA MET A 309 -15.73 -25.12 -4.12
C MET A 309 -16.74 -25.76 -3.17
N MET A 310 -18.03 -25.52 -3.39
CA MET A 310 -19.07 -26.15 -2.59
C MET A 310 -18.95 -27.68 -2.59
N ASP A 311 -18.81 -28.27 -3.78
CA ASP A 311 -18.72 -29.72 -3.87
C ASP A 311 -17.48 -30.21 -3.11
N GLU A 312 -16.38 -29.51 -3.24
CA GLU A 312 -15.21 -29.84 -2.46
C GLU A 312 -15.54 -29.94 -0.96
N ILE A 313 -16.34 -29.03 -0.43
CA ILE A 313 -16.67 -29.11 0.99
C ILE A 313 -17.64 -30.26 1.30
N PHE A 314 -18.74 -30.33 0.55
CA PHE A 314 -19.80 -31.28 0.85
C PHE A 314 -19.38 -32.71 0.61
N ASP A 315 -18.48 -32.93 -0.35
CA ASP A 315 -18.13 -34.30 -0.68
C ASP A 315 -16.66 -34.40 -1.02
N GLY A 316 -15.84 -33.77 -0.19
CA GLY A 316 -14.40 -33.79 -0.39
C GLY A 316 -13.73 -34.96 0.32
N TYR A 317 -12.48 -35.20 -0.06
CA TYR A 317 -11.70 -36.35 0.39
C TYR A 317 -11.01 -36.09 1.74
N ILE A 318 -10.99 -37.10 2.61
CA ILE A 318 -10.32 -37.05 3.93
C ILE A 318 -10.93 -35.96 4.80
N LYS A 325 -14.89 -37.83 10.13
CA LYS A 325 -15.63 -36.80 10.84
C LYS A 325 -15.75 -35.64 9.85
N ASP A 326 -16.46 -35.89 8.75
CA ASP A 326 -16.32 -35.18 7.48
C ASP A 326 -15.87 -33.69 7.43
N ALA A 327 -15.46 -33.28 6.25
CA ALA A 327 -14.94 -31.94 6.02
C ALA A 327 -15.89 -30.87 6.54
N LEU A 328 -17.18 -31.01 6.24
CA LEU A 328 -18.18 -30.05 6.73
C LEU A 328 -18.19 -29.94 8.25
N ASP A 329 -18.10 -31.07 8.93
CA ASP A 329 -18.13 -31.12 10.37
C ASP A 329 -16.90 -30.47 11.00
N ILE A 330 -15.74 -30.76 10.42
CA ILE A 330 -14.48 -30.19 10.87
C ILE A 330 -14.55 -28.67 10.81
N MET A 331 -14.93 -28.17 9.65
CA MET A 331 -14.97 -26.74 9.41
C MET A 331 -16.09 -26.09 10.23
N MET A 332 -17.27 -26.71 10.24
CA MET A 332 -18.39 -26.14 10.98
C MET A 332 -18.02 -25.79 12.42
N PHE A 333 -17.22 -26.62 13.07
CA PHE A 333 -16.95 -26.44 14.48
C PHE A 333 -15.53 -25.90 14.75
N HIS A 334 -14.72 -25.75 13.71
CA HIS A 334 -13.34 -25.32 13.92
C HIS A 334 -13.31 -23.81 14.29
N GLN A 335 -12.32 -23.41 15.07
CA GLN A 335 -12.22 -22.03 15.53
C GLN A 335 -12.11 -21.03 14.38
N PHE A 336 -11.41 -21.39 13.31
CA PHE A 336 -11.33 -20.52 12.14
C PHE A 336 -12.32 -20.98 11.06
N GLY A 337 -12.43 -22.29 10.88
CA GLY A 337 -13.33 -22.87 9.90
C GLY A 337 -14.79 -22.48 10.03
N ASN A 338 -15.25 -22.14 11.23
CA ASN A 338 -16.65 -21.80 11.35
C ASN A 338 -16.98 -20.51 10.60
N TYR A 339 -15.97 -19.66 10.43
CA TYR A 339 -16.19 -18.40 9.72
C TYR A 339 -16.41 -18.65 8.23
N VAL A 340 -15.82 -19.71 7.70
CA VAL A 340 -16.03 -20.13 6.32
C VAL A 340 -17.41 -20.74 6.09
N VAL A 341 -17.83 -21.62 7.00
CA VAL A 341 -19.12 -22.25 6.87
C VAL A 341 -20.23 -21.22 6.94
N GLN A 342 -20.08 -20.26 7.86
CA GLN A 342 -21.00 -19.14 7.97
C GLN A 342 -21.07 -18.36 6.67
N CYS A 343 -19.91 -18.15 6.08
CA CYS A 343 -19.82 -17.42 4.81
C CYS A 343 -20.59 -18.22 3.74
N MET A 344 -20.35 -19.52 3.68
CA MET A 344 -21.03 -20.38 2.71
C MET A 344 -22.56 -20.29 2.90
N LEU A 345 -22.99 -20.34 4.15
CA LEU A 345 -24.40 -20.30 4.47
C LEU A 345 -25.02 -18.98 4.04
N THR A 346 -24.39 -17.89 4.45
CA THR A 346 -24.90 -16.57 4.12
C THR A 346 -24.99 -16.43 2.61
N ILE A 347 -23.95 -16.87 1.90
CA ILE A 347 -23.98 -16.86 0.44
C ILE A 347 -25.22 -17.58 -0.10
N CYS A 348 -25.53 -18.75 0.46
CA CYS A 348 -26.65 -19.53 -0.04
C CYS A 348 -28.01 -18.91 0.29
N CYS A 349 -28.15 -18.37 1.50
CA CYS A 349 -29.41 -17.75 1.91
C CYS A 349 -29.69 -16.51 1.08
N ASP A 350 -28.63 -15.74 0.85
CA ASP A 350 -28.72 -14.55 0.02
C ASP A 350 -29.18 -14.90 -1.39
N ALA A 351 -28.64 -15.98 -1.93
CA ALA A 351 -28.96 -16.38 -3.30
C ALA A 351 -30.43 -16.77 -3.39
N VAL A 352 -30.87 -17.56 -2.42
CA VAL A 352 -32.21 -18.11 -2.41
C VAL A 352 -33.29 -17.04 -2.19
N SER A 353 -32.93 -15.97 -1.51
CA SER A 353 -33.84 -14.87 -1.29
C SER A 353 -33.54 -13.71 -2.25
N GLY A 354 -32.91 -14.03 -3.38
CA GLY A 354 -32.64 -13.05 -4.40
C GLY A 354 -31.78 -11.84 -4.04
N ARG A 355 -31.13 -11.86 -2.88
CA ARG A 355 -30.21 -10.78 -2.52
C ARG A 355 -28.90 -10.94 -3.27
N ARG A 356 -28.73 -12.11 -3.88
CA ARG A 356 -27.51 -12.43 -4.57
C ARG A 356 -27.85 -12.99 -5.95
N GLN A 357 -27.12 -12.52 -6.95
CA GLN A 357 -27.25 -12.97 -8.33
C GLN A 357 -26.90 -14.46 -8.48
N THR A 358 -27.77 -15.20 -9.15
CA THR A 358 -27.54 -16.62 -9.39
C THR A 358 -27.28 -16.98 -10.85
N LYS A 359 -27.34 -16.00 -11.75
CA LYS A 359 -27.15 -16.22 -13.19
C LYS A 359 -25.74 -15.88 -13.67
N GLU A 360 -25.17 -16.73 -14.50
CA GLU A 360 -23.86 -16.49 -15.08
C GLU A 360 -23.79 -17.15 -16.44
N GLY A 361 -23.20 -16.47 -17.40
CA GLY A 361 -23.00 -17.00 -18.72
C GLY A 361 -24.27 -17.34 -19.47
N GLY A 362 -25.35 -16.65 -19.13
CA GLY A 362 -26.64 -16.92 -19.76
C GLY A 362 -27.49 -18.01 -19.09
N TYR A 363 -27.02 -18.60 -17.98
CA TYR A 363 -27.74 -19.67 -17.31
C TYR A 363 -27.93 -19.41 -15.81
N ASP A 364 -29.03 -19.91 -15.26
CA ASP A 364 -29.36 -19.69 -13.85
C ASP A 364 -28.81 -20.85 -13.01
N HIS A 365 -27.95 -20.53 -12.04
CA HIS A 365 -27.37 -21.51 -11.15
C HIS A 365 -28.20 -21.68 -9.86
N ALA A 366 -29.40 -21.10 -9.82
CA ALA A 366 -30.26 -21.21 -8.64
C ALA A 366 -30.47 -22.62 -8.08
N ILE A 367 -30.60 -23.66 -8.92
CA ILE A 367 -30.88 -24.99 -8.37
C ILE A 367 -29.69 -25.48 -7.60
N SER A 368 -28.51 -25.05 -8.02
CA SER A 368 -27.27 -25.39 -7.31
C SER A 368 -27.25 -24.79 -5.91
N PHE A 369 -27.42 -23.48 -5.80
CA PHE A 369 -27.59 -22.85 -4.48
C PHE A 369 -28.65 -23.56 -3.64
N GLN A 370 -29.74 -23.95 -4.29
CA GLN A 370 -30.84 -24.61 -3.60
C GLN A 370 -30.33 -25.91 -2.98
N ASP A 371 -29.61 -26.67 -3.77
CA ASP A 371 -28.97 -27.89 -3.30
C ASP A 371 -28.05 -27.66 -2.10
N TRP A 372 -27.18 -26.66 -2.19
CA TRP A 372 -26.20 -26.36 -1.12
C TRP A 372 -26.88 -25.94 0.18
N LEU A 373 -27.85 -25.05 0.05
CA LEU A 373 -28.69 -24.60 1.16
C LEU A 373 -29.33 -25.81 1.85
N LYS A 374 -29.94 -26.68 1.04
CA LYS A 374 -30.59 -27.90 1.52
C LYS A 374 -29.63 -28.70 2.38
N LYS A 375 -28.40 -28.84 1.89
CA LYS A 375 -27.39 -29.62 2.60
C LYS A 375 -27.03 -29.00 3.95
N LEU A 376 -26.87 -27.68 3.95
CA LEU A 376 -26.51 -26.97 5.16
C LEU A 376 -27.67 -26.94 6.16
N HIS A 377 -28.89 -26.74 5.66
CA HIS A 377 -30.06 -26.82 6.52
C HIS A 377 -30.16 -28.20 7.22
N SER A 378 -29.98 -29.25 6.43
CA SER A 378 -30.13 -30.59 6.95
C SER A 378 -29.02 -30.87 8.00
N ARG A 379 -27.81 -30.39 7.76
CA ARG A 379 -26.71 -30.57 8.70
C ARG A 379 -26.93 -29.76 9.98
N VAL A 380 -27.33 -28.50 9.83
CA VAL A 380 -27.54 -27.63 10.97
C VAL A 380 -28.74 -28.11 11.80
N THR A 381 -29.78 -28.58 11.12
CA THR A 381 -30.88 -29.21 11.82
C THR A 381 -30.39 -30.38 12.70
N LYS A 382 -29.61 -31.30 12.13
CA LYS A 382 -29.17 -32.47 12.90
C LYS A 382 -28.17 -32.14 14.01
N GLU A 383 -27.40 -31.06 13.84
CA GLU A 383 -26.33 -30.71 14.76
C GLU A 383 -26.69 -29.57 15.69
N ARG A 384 -27.96 -29.18 15.73
CA ARG A 384 -28.33 -27.96 16.44
C ARG A 384 -27.97 -27.98 17.93
N HIS A 385 -27.96 -29.17 18.53
CA HIS A 385 -27.61 -29.31 19.94
C HIS A 385 -26.16 -28.88 20.17
N ARG A 386 -25.24 -29.35 19.33
CA ARG A 386 -23.85 -28.91 19.44
C ARG A 386 -23.65 -27.44 19.00
N LEU A 387 -24.31 -27.04 17.91
CA LEU A 387 -24.17 -25.70 17.37
C LEU A 387 -24.64 -24.63 18.37
N SER A 388 -25.60 -25.03 19.19
CA SER A 388 -26.20 -24.11 20.13
C SER A 388 -25.24 -23.81 21.27
N ARG A 389 -24.18 -24.61 21.42
CA ARG A 389 -23.13 -24.37 22.41
C ARG A 389 -22.18 -23.23 22.01
N PHE A 390 -22.20 -22.85 20.73
CA PHE A 390 -21.25 -21.91 20.16
C PHE A 390 -21.90 -20.65 19.60
N SER A 391 -21.14 -19.57 19.57
CA SER A 391 -21.66 -18.30 19.04
C SER A 391 -21.91 -18.43 17.52
N SER A 392 -20.95 -18.99 16.81
CA SER A 392 -21.12 -19.22 15.37
C SER A 392 -22.33 -20.09 15.10
N GLY A 393 -22.51 -21.13 15.92
CA GLY A 393 -23.57 -22.11 15.72
C GLY A 393 -24.92 -21.46 15.90
N LYS A 394 -25.03 -20.67 16.96
CA LYS A 394 -26.24 -19.89 17.25
C LYS A 394 -26.57 -19.02 16.07
N LYS A 395 -25.55 -18.37 15.53
CA LYS A 395 -25.74 -17.50 14.38
C LYS A 395 -26.21 -18.24 13.13
N MET A 396 -25.65 -19.42 12.86
CA MET A 396 -26.04 -20.18 11.69
C MET A 396 -27.49 -20.58 11.83
N ILE A 397 -27.84 -21.00 13.03
CA ILE A 397 -29.20 -21.41 13.32
C ILE A 397 -30.16 -20.27 13.04
N GLU A 398 -29.81 -19.09 13.52
CA GLU A 398 -30.62 -17.90 13.33
C GLU A 398 -30.68 -17.42 11.88
N THR A 399 -29.56 -17.44 11.16
CA THR A 399 -29.57 -17.15 9.74
C THR A 399 -30.64 -18.00 9.06
N LEU A 400 -30.66 -19.27 9.40
CA LEU A 400 -31.62 -20.21 8.82
C LEU A 400 -33.05 -19.93 9.28
N ALA A 401 -33.22 -19.44 10.51
CA ALA A 401 -34.57 -19.16 10.98
C ALA A 401 -35.18 -17.93 10.29
N ASN A 402 -34.38 -16.89 10.06
CA ASN A 402 -34.92 -15.68 9.44
C ASN A 402 -35.01 -15.82 7.92
N LEU A 403 -34.46 -16.92 7.42
CA LEU A 403 -34.69 -17.30 6.06
C LEU A 403 -36.12 -17.82 6.00
N ARG A 404 -36.44 -18.72 6.93
CA ARG A 404 -37.78 -19.30 7.04
C ARG A 404 -38.86 -18.20 7.01
N SER A 405 -38.50 -17.01 7.46
CA SER A 405 -39.35 -15.83 7.33
C SER A 405 -39.03 -15.04 6.06
#